data_9J58
#
_entry.id   9J58
#
_cell.length_a   108.078
_cell.length_b   108.078
_cell.length_c   44.510
_cell.angle_alpha   90.000
_cell.angle_beta   90.000
_cell.angle_gamma   120.000
#
_symmetry.space_group_name_H-M   'P 63'
#
loop_
_entity.id
_entity.type
_entity.pdbx_description
1 polymer 'Alpha/beta hydrolase fold-3 domain-containing protein'
2 non-polymer 1,2-ETHANEDIOL
3 non-polymer "O-(O-(2-AMINOPROPYL)-O'-(2-METHOXYETHYL)POLYPROPYLENE GLYCOL 500)"
4 non-polymer 'MALONIC ACID'
5 water water
#
_entity_poly.entity_id   1
_entity_poly.type   'polypeptide(L)'
_entity_poly.pdbx_seq_one_letter_code
;HHHHHHMPLDPRVEQFLAQMPPLNREGLSLAEARQQFKQGALLLDQMVPPPPVDTEDGTVVTTHGPVRIRRYIPDRLRFS
HPLVFYHGGGFVFGDIDTHHGLVARLCQTVGATVISVDYSLAPEAKFPVPVAECIDVARWAAHEAPGWGLKPSIVVAGDS
AGGNLAAVVSQRAKDESLPIAAQLLFYPALDMVHETPSKRDFARGYLLEADAMQWFGEQYLRTPDDVSHPWASPALSPDL
TGLPPALVITAEYDPLRDEGEAYAEALRAAGVPTEQIRFDGMIHGFMTMPIFPQMEAAIEAVARFLERID
;
_entity_poly.pdbx_strand_id   A
#
loop_
_chem_comp.id
_chem_comp.type
_chem_comp.name
_chem_comp.formula
EDO non-polymer 1,2-ETHANEDIOL 'C2 H6 O2'
JEF non-polymer 'O-(O-(2-AMINOPROPYL)-O'-(2-METHOXYETHYL)POLYPROPYLENE GLYCOL 500)' 'C30 H63 N O10'
MLA non-polymer 'MALONIC ACID' 'C3 H4 O4'
#
# COMPACT_ATOMS: atom_id res chain seq x y z
N MET A 7 -24.52 -2.91 0.01
CA MET A 7 -24.76 -3.28 1.44
C MET A 7 -24.66 -2.03 2.31
N PRO A 8 -25.33 -1.92 3.49
CA PRO A 8 -25.26 -0.69 4.27
C PRO A 8 -23.83 -0.32 4.64
N LEU A 9 -23.58 0.96 4.84
CA LEU A 9 -22.33 1.37 5.48
C LEU A 9 -22.16 0.69 6.84
N ASP A 10 -20.91 0.33 7.15
CA ASP A 10 -20.61 -0.15 8.49
C ASP A 10 -21.01 0.94 9.49
N PRO A 11 -21.67 0.63 10.62
CA PRO A 11 -22.07 1.69 11.57
C PRO A 11 -20.96 2.61 12.10
N ARG A 12 -19.81 2.06 12.46
CA ARG A 12 -18.70 2.86 12.97
CA ARG A 12 -18.70 2.86 12.96
C ARG A 12 -18.13 3.77 11.87
N VAL A 13 -18.05 3.27 10.63
CA VAL A 13 -17.65 4.09 9.48
C VAL A 13 -18.62 5.26 9.33
N GLU A 14 -19.92 4.97 9.34
CA GLU A 14 -20.97 5.98 9.22
C GLU A 14 -20.74 7.09 10.25
N GLN A 15 -20.46 6.72 11.51
CA GLN A 15 -20.25 7.67 12.59
C GLN A 15 -18.97 8.48 12.32
N PHE A 16 -17.91 7.81 11.90
CA PHE A 16 -16.66 8.48 11.56
C PHE A 16 -16.88 9.53 10.46
N LEU A 17 -17.55 9.17 9.37
CA LEU A 17 -17.79 10.15 8.31
C LEU A 17 -18.61 11.32 8.82
N ALA A 18 -19.61 11.06 9.69
CA ALA A 18 -20.46 12.12 10.21
C ALA A 18 -19.69 13.15 11.07
N GLN A 19 -18.55 12.78 11.64
CA GLN A 19 -17.83 13.65 12.56
C GLN A 19 -16.61 14.30 11.90
N MET A 20 -16.37 14.07 10.61
CA MET A 20 -15.33 14.78 9.88
C MET A 20 -15.73 16.24 9.78
N PRO A 21 -14.82 17.20 10.06
CA PRO A 21 -15.12 18.64 9.95
C PRO A 21 -15.59 19.12 8.57
N LEU A 28 -4.78 25.58 2.89
CA LEU A 28 -3.58 25.08 3.62
C LEU A 28 -2.39 25.08 2.68
N SER A 29 -1.20 25.42 3.21
CA SER A 29 0.04 25.13 2.52
C SER A 29 0.27 23.60 2.46
N LEU A 30 1.20 23.21 1.60
CA LEU A 30 1.63 21.84 1.50
C LEU A 30 2.11 21.33 2.85
N ALA A 31 2.94 22.12 3.53
CA ALA A 31 3.51 21.70 4.81
C ALA A 31 2.39 21.50 5.82
N GLU A 32 1.39 22.38 5.76
CA GLU A 32 0.28 22.33 6.71
C GLU A 32 -0.61 21.13 6.41
N ALA A 33 -0.82 20.84 5.12
CA ALA A 33 -1.62 19.69 4.73
C ALA A 33 -0.95 18.39 5.20
N ARG A 34 0.38 18.31 5.06
CA ARG A 34 1.11 17.12 5.47
C ARG A 34 1.02 16.95 6.98
N GLN A 35 1.12 18.09 7.70
CA GLN A 35 1.05 18.07 9.15
C GLN A 35 -0.35 17.63 9.60
N GLN A 36 -1.38 18.11 8.91
CA GLN A 36 -2.75 17.75 9.24
C GLN A 36 -2.97 16.24 9.02
N PHE A 37 -2.48 15.67 7.91
CA PHE A 37 -2.54 14.23 7.68
C PHE A 37 -1.87 13.47 8.83
N LYS A 38 -0.68 13.94 9.26
CA LYS A 38 0.05 13.24 10.32
C LYS A 38 -0.70 13.33 11.64
N GLN A 39 -1.34 14.47 11.89
CA GLN A 39 -2.07 14.67 13.15
C GLN A 39 -3.27 13.72 13.18
N GLY A 40 -3.93 13.54 12.03
CA GLY A 40 -5.05 12.62 11.96
C GLY A 40 -4.66 11.18 12.28
N ALA A 41 -3.51 10.75 11.75
CA ALA A 41 -2.96 9.42 12.01
C ALA A 41 -2.62 9.25 13.49
N LEU A 42 -2.05 10.30 14.08
CA LEU A 42 -1.71 10.25 15.50
C LEU A 42 -2.98 10.07 16.34
N LEU A 43 -4.04 10.81 16.00
CA LEU A 43 -5.27 10.77 16.79
C LEU A 43 -5.84 9.35 16.80
N LEU A 44 -5.82 8.69 15.64
CA LEU A 44 -6.36 7.34 15.55
C LEU A 44 -5.52 6.37 16.36
N ASP A 45 -4.18 6.54 16.31
CA ASP A 45 -3.30 5.68 17.09
C ASP A 45 -3.46 5.93 18.60
N GLN A 46 -3.78 7.16 19.01
CA GLN A 46 -4.08 7.42 20.42
C GLN A 46 -5.39 6.74 20.81
N MET A 47 -6.35 6.66 19.89
CA MET A 47 -7.61 6.04 20.22
C MET A 47 -7.44 4.52 20.34
N VAL A 48 -6.57 3.94 19.50
CA VAL A 48 -6.38 2.49 19.53
C VAL A 48 -4.88 2.23 19.37
N PRO A 49 -4.14 2.19 20.49
CA PRO A 49 -2.68 2.08 20.47
C PRO A 49 -2.17 0.87 19.69
N PRO A 50 -1.03 1.02 18.99
CA PRO A 50 -0.42 -0.10 18.29
C PRO A 50 0.20 -1.06 19.29
N PRO A 51 0.46 -2.31 18.86
CA PRO A 51 1.17 -3.27 19.69
C PRO A 51 2.62 -2.83 19.79
N PRO A 52 3.27 -3.05 20.96
CA PRO A 52 4.71 -2.84 21.04
C PRO A 52 5.41 -3.75 20.03
N VAL A 53 6.48 -3.22 19.44
CA VAL A 53 7.25 -3.97 18.47
C VAL A 53 8.67 -3.41 18.45
N ASP A 54 9.64 -4.31 18.36
CA ASP A 54 11.04 -3.94 18.15
C ASP A 54 11.23 -3.38 16.73
N THR A 55 11.91 -2.23 16.63
CA THR A 55 12.22 -1.61 15.36
C THR A 55 13.66 -1.10 15.34
N GLU A 56 14.18 -1.00 14.11
CA GLU A 56 15.49 -0.44 13.85
C GLU A 56 15.37 0.48 12.62
N ASP A 57 15.81 1.70 12.74
CA ASP A 57 15.83 2.64 11.64
C ASP A 57 17.13 2.50 10.85
N GLY A 58 17.04 2.73 9.55
CA GLY A 58 18.18 2.70 8.65
C GLY A 58 17.90 3.53 7.40
N THR A 59 18.90 3.52 6.50
CA THR A 59 18.82 4.28 5.27
C THR A 59 19.40 3.41 4.15
N VAL A 60 18.65 3.28 3.07
CA VAL A 60 19.06 2.52 1.89
C VAL A 60 19.53 3.50 0.82
N VAL A 61 20.67 3.16 0.20
CA VAL A 61 21.18 3.90 -0.95
C VAL A 61 20.42 3.44 -2.20
N THR A 62 19.66 4.36 -2.78
CA THR A 62 18.94 4.12 -4.03
C THR A 62 19.57 4.94 -5.15
N THR A 63 19.12 4.65 -6.36
CA THR A 63 19.53 5.38 -7.54
C THR A 63 19.04 6.83 -7.56
N HIS A 64 18.15 7.19 -6.62
CA HIS A 64 17.66 8.57 -6.55
C HIS A 64 18.01 9.23 -5.22
N GLY A 65 18.82 8.54 -4.43
CA GLY A 65 19.22 9.13 -3.17
C GLY A 65 18.98 8.19 -1.98
N PRO A 66 19.35 8.64 -0.80
CA PRO A 66 19.08 7.91 0.42
C PRO A 66 17.58 7.86 0.66
N VAL A 67 17.10 6.68 1.04
CA VAL A 67 15.72 6.48 1.43
C VAL A 67 15.70 5.87 2.83
N ARG A 68 15.08 6.58 3.79
CA ARG A 68 14.96 6.06 5.14
C ARG A 68 14.00 4.88 5.16
N ILE A 69 14.30 3.91 6.01
CA ILE A 69 13.48 2.74 6.24
C ILE A 69 13.42 2.51 7.75
N ARG A 70 12.45 1.69 8.13
CA ARG A 70 12.37 1.17 9.48
C ARG A 70 12.06 -0.31 9.41
N ARG A 71 12.89 -1.13 10.03
CA ARG A 71 12.71 -2.56 10.02
C ARG A 71 12.01 -2.94 11.32
N TYR A 72 10.93 -3.72 11.17
CA TYR A 72 10.11 -4.20 12.26
C TYR A 72 10.47 -5.68 12.47
N ILE A 73 10.73 -6.04 13.74
CA ILE A 73 11.18 -7.38 14.10
C ILE A 73 10.09 -7.99 14.96
N PRO A 74 9.45 -9.11 14.53
CA PRO A 74 8.37 -9.68 15.32
C PRO A 74 8.89 -10.34 16.59
N ASP A 75 8.04 -10.41 17.60
CA ASP A 75 8.38 -11.13 18.82
C ASP A 75 8.75 -12.56 18.46
N ARG A 76 7.98 -13.16 17.55
CA ARG A 76 8.24 -14.52 17.12
C ARG A 76 8.17 -14.61 15.59
N LEU A 77 9.29 -14.93 14.96
CA LEU A 77 9.35 -14.99 13.50
C LEU A 77 8.68 -16.27 13.03
N ARG A 78 7.65 -16.14 12.17
CA ARG A 78 6.90 -17.31 11.69
CA ARG A 78 6.92 -17.31 11.69
C ARG A 78 6.87 -17.37 10.16
N PHE A 79 7.19 -16.27 9.49
CA PHE A 79 7.10 -16.18 8.04
C PHE A 79 8.48 -16.00 7.41
N SER A 80 8.76 -16.74 6.32
CA SER A 80 10.13 -16.94 5.85
C SER A 80 10.56 -15.92 4.77
N HIS A 81 9.74 -14.88 4.48
CA HIS A 81 10.13 -13.86 3.52
C HIS A 81 10.04 -12.52 4.22
N PRO A 82 10.95 -11.57 3.95
CA PRO A 82 10.74 -10.20 4.38
C PRO A 82 9.56 -9.57 3.63
N LEU A 83 8.83 -8.71 4.32
CA LEU A 83 7.83 -7.87 3.68
C LEU A 83 8.48 -6.50 3.48
N VAL A 84 8.20 -5.89 2.35
CA VAL A 84 8.59 -4.51 2.10
C VAL A 84 7.29 -3.74 1.85
N PHE A 85 7.07 -2.74 2.71
CA PHE A 85 5.81 -2.03 2.78
C PHE A 85 6.00 -0.56 2.34
N TYR A 86 5.13 -0.14 1.43
CA TYR A 86 5.11 1.20 0.90
C TYR A 86 3.84 1.92 1.33
N HIS A 87 3.94 2.96 2.14
CA HIS A 87 2.77 3.65 2.67
C HIS A 87 2.04 4.41 1.57
N GLY A 88 0.73 4.62 1.83
CA GLY A 88 -0.11 5.49 1.04
C GLY A 88 -0.07 6.93 1.50
N GLY A 89 -0.95 7.69 0.87
CA GLY A 89 -1.02 9.14 1.04
C GLY A 89 -0.96 9.93 -0.25
N GLY A 90 -1.43 9.34 -1.36
CA GLY A 90 -1.64 10.13 -2.58
C GLY A 90 -0.35 10.50 -3.31
N PHE A 91 0.78 9.91 -2.88
CA PHE A 91 2.14 10.21 -3.30
C PHE A 91 2.66 11.50 -2.70
N VAL A 92 1.84 12.21 -1.91
CA VAL A 92 2.17 13.54 -1.37
C VAL A 92 2.29 13.56 0.15
N PHE A 93 1.52 12.71 0.84
CA PHE A 93 1.44 12.68 2.29
C PHE A 93 1.94 11.34 2.83
N GLY A 94 2.08 11.28 4.16
CA GLY A 94 2.38 10.02 4.81
C GLY A 94 3.88 9.83 5.02
N ASP A 95 4.18 8.92 5.93
CA ASP A 95 5.55 8.56 6.23
C ASP A 95 5.53 7.26 7.03
N ILE A 96 6.69 6.84 7.54
CA ILE A 96 6.76 5.61 8.31
C ILE A 96 5.90 5.73 9.57
N ASP A 97 5.84 6.93 10.15
CA ASP A 97 5.13 7.09 11.41
C ASP A 97 3.63 7.06 11.20
N THR A 98 3.15 7.61 10.08
CA THR A 98 1.71 7.60 9.83
C THR A 98 1.17 6.20 9.61
N HIS A 99 2.06 5.27 9.21
CA HIS A 99 1.62 3.92 8.89
C HIS A 99 2.12 2.90 9.92
N HIS A 100 2.71 3.36 11.00
CA HIS A 100 3.23 2.48 12.04
C HIS A 100 2.13 1.58 12.62
N GLY A 101 0.93 2.13 12.83
CA GLY A 101 -0.16 1.32 13.37
C GLY A 101 -0.48 0.07 12.52
N LEU A 102 -0.46 0.24 11.20
CA LEU A 102 -0.64 -0.90 10.32
C LEU A 102 0.59 -1.80 10.31
N VAL A 103 1.79 -1.23 10.16
CA VAL A 103 2.96 -2.06 9.97
C VAL A 103 3.30 -2.84 11.24
N ALA A 104 3.14 -2.21 12.41
CA ALA A 104 3.40 -2.90 13.67
C ALA A 104 2.53 -4.16 13.75
N ARG A 105 1.26 -4.03 13.37
CA ARG A 105 0.31 -5.15 13.40
C ARG A 105 0.62 -6.21 12.35
N LEU A 106 0.98 -5.79 11.13
CA LEU A 106 1.40 -6.75 10.12
C LEU A 106 2.57 -7.58 10.68
N CYS A 107 3.54 -6.87 11.24
CA CYS A 107 4.74 -7.53 11.74
C CYS A 107 4.37 -8.58 12.80
N GLN A 108 3.63 -8.17 13.82
CA GLN A 108 3.37 -9.05 14.96
C GLN A 108 2.32 -10.11 14.65
N THR A 109 1.34 -9.82 13.81
CA THR A 109 0.29 -10.79 13.53
C THR A 109 0.75 -11.86 12.54
N VAL A 110 1.47 -11.41 11.50
CA VAL A 110 2.03 -12.35 10.52
C VAL A 110 3.22 -13.08 11.14
N GLY A 111 3.92 -12.41 12.06
CA GLY A 111 5.21 -12.89 12.50
C GLY A 111 6.28 -12.74 11.40
N ALA A 112 6.30 -11.55 10.78
CA ALA A 112 7.20 -11.27 9.66
C ALA A 112 8.08 -10.08 10.00
N THR A 113 9.28 -10.12 9.46
N THR A 113 9.32 -10.09 9.50
CA THR A 113 10.06 -8.91 9.37
CA THR A 113 10.08 -8.85 9.48
C THR A 113 9.45 -8.01 8.30
C THR A 113 9.55 -8.01 8.32
N VAL A 114 9.32 -6.72 8.61
CA VAL A 114 8.76 -5.78 7.66
C VAL A 114 9.69 -4.58 7.54
N ILE A 115 9.93 -4.17 6.29
CA ILE A 115 10.69 -2.98 5.97
C ILE A 115 9.70 -1.92 5.50
N SER A 116 9.50 -0.88 6.33
CA SER A 116 8.62 0.21 5.99
C SER A 116 9.45 1.32 5.35
N VAL A 117 9.00 1.81 4.19
CA VAL A 117 9.82 2.64 3.32
C VAL A 117 9.35 4.10 3.32
N ASP A 118 10.29 5.04 3.55
CA ASP A 118 10.02 6.47 3.49
CA ASP A 118 10.03 6.47 3.49
C ASP A 118 10.47 7.00 2.11
N TYR A 119 9.73 6.62 1.07
CA TYR A 119 10.06 7.03 -0.29
C TYR A 119 9.81 8.54 -0.46
N SER A 120 10.44 9.09 -1.51
CA SER A 120 10.38 10.51 -1.78
C SER A 120 8.96 10.94 -2.19
N LEU A 121 8.45 12.01 -1.59
CA LEU A 121 7.10 12.52 -1.85
C LEU A 121 7.09 13.56 -2.97
N ALA A 122 5.94 13.62 -3.65
CA ALA A 122 5.62 14.65 -4.60
C ALA A 122 5.02 15.84 -3.87
N PRO A 123 5.06 17.06 -4.44
CA PRO A 123 5.63 17.33 -5.76
C PRO A 123 7.14 17.51 -5.84
N GLU A 124 7.85 17.44 -4.68
CA GLU A 124 9.28 17.67 -4.69
C GLU A 124 9.97 16.63 -5.56
N ALA A 125 9.55 15.35 -5.43
CA ALA A 125 9.95 14.30 -6.36
C ALA A 125 8.74 13.92 -7.19
N LYS A 126 8.95 13.75 -8.48
CA LYS A 126 7.88 13.42 -9.40
C LYS A 126 8.04 12.00 -9.91
N PHE A 127 6.91 11.49 -10.40
CA PHE A 127 6.90 10.26 -11.15
C PHE A 127 8.06 10.26 -12.14
N PRO A 128 8.82 9.14 -12.35
CA PRO A 128 8.72 7.84 -11.65
C PRO A 128 9.73 7.61 -10.51
N VAL A 129 10.17 8.71 -9.88
CA VAL A 129 11.21 8.62 -8.85
C VAL A 129 10.85 7.62 -7.76
N PRO A 130 9.67 7.70 -7.08
CA PRO A 130 9.44 6.75 -5.99
C PRO A 130 9.38 5.31 -6.49
N VAL A 131 8.93 5.08 -7.74
CA VAL A 131 8.90 3.72 -8.26
C VAL A 131 10.33 3.15 -8.23
N ALA A 132 11.28 3.93 -8.75
CA ALA A 132 12.68 3.54 -8.77
C ALA A 132 13.21 3.29 -7.36
N GLU A 133 12.90 4.21 -6.43
CA GLU A 133 13.33 4.02 -5.06
C GLU A 133 12.77 2.73 -4.46
N CYS A 134 11.52 2.45 -4.76
CA CYS A 134 10.83 1.32 -4.13
C CYS A 134 11.41 0.01 -4.68
N ILE A 135 11.80 -0.02 -5.95
CA ILE A 135 12.52 -1.16 -6.51
C ILE A 135 13.87 -1.36 -5.80
N ASP A 136 14.62 -0.27 -5.66
CA ASP A 136 15.93 -0.34 -5.05
C ASP A 136 15.81 -0.88 -3.63
N VAL A 137 14.82 -0.42 -2.87
CA VAL A 137 14.69 -0.90 -1.50
C VAL A 137 14.31 -2.39 -1.48
N ALA A 138 13.41 -2.82 -2.37
CA ALA A 138 13.07 -4.23 -2.49
C ALA A 138 14.31 -5.08 -2.80
N ARG A 139 15.17 -4.60 -3.70
CA ARG A 139 16.38 -5.30 -4.08
C ARG A 139 17.32 -5.43 -2.88
N TRP A 140 17.46 -4.32 -2.12
CA TRP A 140 18.26 -4.34 -0.91
C TRP A 140 17.75 -5.43 0.05
N ALA A 141 16.43 -5.44 0.29
CA ALA A 141 15.83 -6.39 1.22
C ALA A 141 16.05 -7.82 0.77
N ALA A 142 15.96 -8.09 -0.55
CA ALA A 142 16.22 -9.43 -1.06
C ALA A 142 17.68 -9.83 -0.82
N HIS A 143 18.61 -8.88 -0.93
CA HIS A 143 20.02 -9.13 -0.65
CA HIS A 143 20.01 -9.18 -0.66
C HIS A 143 20.29 -9.40 0.83
N GLU A 144 19.59 -8.67 1.72
CA GLU A 144 19.81 -8.77 3.17
C GLU A 144 19.15 -10.03 3.74
N ALA A 145 18.14 -10.58 3.04
CA ALA A 145 17.23 -11.55 3.64
C ALA A 145 17.98 -12.74 4.25
N PRO A 146 18.95 -13.37 3.55
CA PRO A 146 19.64 -14.54 4.13
C PRO A 146 20.36 -14.27 5.45
N GLY A 147 20.88 -13.05 5.67
CA GLY A 147 21.55 -12.70 6.92
C GLY A 147 20.57 -12.43 8.06
N TRP A 148 19.26 -12.32 7.70
CA TRP A 148 18.15 -12.34 8.65
C TRP A 148 17.60 -13.75 8.87
N GLY A 149 18.13 -14.74 8.15
CA GLY A 149 17.69 -16.13 8.25
C GLY A 149 16.45 -16.40 7.41
N LEU A 150 16.32 -15.66 6.31
CA LEU A 150 15.09 -15.65 5.52
C LEU A 150 15.39 -16.02 4.07
N LYS A 151 14.33 -16.40 3.34
CA LYS A 151 14.41 -16.60 1.90
C LYS A 151 14.63 -15.27 1.20
N PRO A 152 15.44 -15.25 0.11
CA PRO A 152 15.73 -14.02 -0.62
C PRO A 152 14.65 -13.54 -1.59
N SER A 153 13.44 -14.04 -1.48
CA SER A 153 12.33 -13.52 -2.24
C SER A 153 11.42 -12.74 -1.28
N ILE A 154 11.01 -11.55 -1.69
CA ILE A 154 10.33 -10.62 -0.82
C ILE A 154 8.82 -10.61 -1.13
N VAL A 155 8.06 -10.13 -0.16
CA VAL A 155 6.66 -9.81 -0.34
C VAL A 155 6.56 -8.28 -0.34
N VAL A 156 5.95 -7.72 -1.40
CA VAL A 156 5.75 -6.26 -1.42
C VAL A 156 4.30 -5.99 -1.00
N ALA A 157 4.07 -4.85 -0.35
CA ALA A 157 2.76 -4.51 0.19
C ALA A 157 2.60 -3.00 0.19
N GLY A 158 1.35 -2.55 0.09
CA GLY A 158 1.09 -1.14 0.30
C GLY A 158 -0.39 -0.82 0.21
N ASP A 159 -0.74 0.30 0.84
CA ASP A 159 -2.10 0.82 0.82
C ASP A 159 -2.22 2.01 -0.15
N SER A 160 -3.29 2.04 -0.94
CA SER A 160 -3.61 3.23 -1.73
C SER A 160 -2.48 3.53 -2.73
N ALA A 161 -1.88 4.74 -2.71
CA ALA A 161 -0.70 5.05 -3.51
C ALA A 161 0.41 4.00 -3.29
N GLY A 162 0.55 3.53 -2.05
CA GLY A 162 1.55 2.51 -1.77
C GLY A 162 1.22 1.16 -2.41
N GLY A 163 -0.09 0.91 -2.62
CA GLY A 163 -0.55 -0.28 -3.33
C GLY A 163 -0.25 -0.16 -4.82
N ASN A 164 -0.37 1.07 -5.36
CA ASN A 164 0.12 1.36 -6.70
C ASN A 164 1.60 0.97 -6.82
N LEU A 165 2.42 1.45 -5.88
CA LEU A 165 3.85 1.19 -5.95
C LEU A 165 4.11 -0.31 -5.86
N ALA A 166 3.45 -1.00 -4.93
CA ALA A 166 3.67 -2.45 -4.84
C ALA A 166 3.30 -3.16 -6.14
N ALA A 167 2.21 -2.74 -6.79
CA ALA A 167 1.79 -3.38 -8.01
C ALA A 167 2.80 -3.15 -9.14
N VAL A 168 3.33 -1.92 -9.22
CA VAL A 168 4.29 -1.58 -10.26
C VAL A 168 5.62 -2.31 -10.00
N VAL A 169 6.11 -2.28 -8.76
CA VAL A 169 7.31 -3.01 -8.44
C VAL A 169 7.15 -4.48 -8.87
N SER A 170 5.98 -5.06 -8.60
CA SER A 170 5.70 -6.45 -8.98
C SER A 170 5.74 -6.64 -10.49
N GLN A 171 5.17 -5.70 -11.27
CA GLN A 171 5.23 -5.83 -12.72
C GLN A 171 6.63 -5.68 -13.28
N ARG A 172 7.49 -4.89 -12.59
CA ARG A 172 8.84 -4.69 -13.05
C ARG A 172 9.81 -5.76 -12.54
N ALA A 173 9.35 -6.62 -11.62
CA ALA A 173 10.28 -7.42 -10.85
C ALA A 173 11.15 -8.32 -11.74
N LYS A 174 10.56 -9.06 -12.66
CA LYS A 174 11.37 -9.96 -13.47
C LYS A 174 12.42 -9.19 -14.26
N ASP A 175 12.01 -8.06 -14.85
CA ASP A 175 12.90 -7.27 -15.67
C ASP A 175 14.03 -6.71 -14.83
N GLU A 176 13.74 -6.47 -13.55
CA GLU A 176 14.74 -5.91 -12.62
C GLU A 176 15.50 -6.99 -11.83
N SER A 177 15.31 -8.27 -12.19
CA SER A 177 15.97 -9.39 -11.50
C SER A 177 15.70 -9.32 -10.00
N LEU A 178 14.45 -9.00 -9.65
CA LEU A 178 14.02 -8.86 -8.27
C LEU A 178 13.10 -10.03 -7.94
N PRO A 179 13.50 -10.90 -6.99
CA PRO A 179 12.67 -12.04 -6.61
C PRO A 179 11.53 -11.65 -5.67
N ILE A 180 10.29 -11.78 -6.15
CA ILE A 180 9.12 -11.39 -5.38
C ILE A 180 8.17 -12.58 -5.26
N ALA A 181 7.87 -12.97 -4.02
CA ALA A 181 7.04 -14.13 -3.72
C ALA A 181 5.56 -13.80 -3.68
N ALA A 182 5.19 -12.54 -3.42
CA ALA A 182 3.76 -12.15 -3.39
C ALA A 182 3.64 -10.64 -3.36
N GLN A 183 2.44 -10.18 -3.69
CA GLN A 183 2.10 -8.77 -3.64
C GLN A 183 0.80 -8.62 -2.87
N LEU A 184 0.78 -7.66 -1.93
CA LEU A 184 -0.38 -7.40 -1.09
C LEU A 184 -0.83 -5.97 -1.39
N LEU A 185 -1.99 -5.84 -2.03
CA LEU A 185 -2.48 -4.55 -2.50
C LEU A 185 -3.72 -4.20 -1.69
N PHE A 186 -3.63 -3.13 -0.90
CA PHE A 186 -4.70 -2.71 -0.03
C PHE A 186 -5.30 -1.46 -0.70
N TYR A 187 -6.54 -1.60 -1.20
CA TYR A 187 -7.27 -0.56 -1.94
C TYR A 187 -6.32 0.30 -2.78
N PRO A 188 -5.60 -0.36 -3.74
CA PRO A 188 -4.64 0.36 -4.57
C PRO A 188 -5.30 1.28 -5.60
N ALA A 189 -4.55 2.31 -6.00
CA ALA A 189 -4.80 3.05 -7.22
C ALA A 189 -4.06 2.34 -8.34
N LEU A 190 -4.74 2.02 -9.45
CA LEU A 190 -4.11 1.24 -10.49
C LEU A 190 -4.38 1.75 -11.90
N ASP A 191 -5.39 2.61 -12.11
CA ASP A 191 -5.73 3.07 -13.45
C ASP A 191 -6.10 4.54 -13.39
N MET A 192 -5.15 5.38 -13.81
CA MET A 192 -5.37 6.82 -13.81
C MET A 192 -6.03 7.33 -15.09
N VAL A 193 -6.37 6.45 -16.04
CA VAL A 193 -6.92 6.84 -17.34
C VAL A 193 -8.44 6.72 -17.32
N HIS A 194 -8.94 5.57 -16.85
CA HIS A 194 -10.35 5.23 -17.04
C HIS A 194 -11.19 5.56 -15.80
N GLU A 195 -12.41 6.05 -16.06
CA GLU A 195 -13.38 6.20 -15.00
C GLU A 195 -14.09 4.84 -14.90
N THR A 196 -14.31 4.40 -13.68
CA THR A 196 -15.09 3.21 -13.39
C THR A 196 -16.37 3.65 -12.71
N PRO A 197 -17.39 2.78 -12.61
CA PRO A 197 -18.59 3.14 -11.89
C PRO A 197 -18.31 3.60 -10.46
N SER A 198 -17.45 2.88 -9.71
CA SER A 198 -17.19 3.27 -8.33
C SER A 198 -16.56 4.66 -8.26
N LYS A 199 -15.73 5.00 -9.26
CA LYS A 199 -15.03 6.28 -9.28
C LYS A 199 -16.07 7.40 -9.47
N ARG A 200 -17.08 7.12 -10.28
CA ARG A 200 -18.16 8.07 -10.52
C ARG A 200 -19.08 8.17 -9.30
N ASP A 201 -19.48 7.01 -8.75
CA ASP A 201 -20.54 6.93 -7.77
C ASP A 201 -20.10 7.29 -6.35
N PHE A 202 -18.82 7.06 -5.99
CA PHE A 202 -18.38 7.28 -4.62
C PHE A 202 -17.33 8.37 -4.59
N ALA A 203 -17.52 9.33 -5.50
CA ALA A 203 -16.53 10.34 -5.82
C ALA A 203 -16.36 11.37 -4.69
N ARG A 204 -17.43 11.56 -3.90
CA ARG A 204 -17.47 12.60 -2.90
C ARG A 204 -18.07 12.04 -1.62
N GLY A 205 -17.49 12.41 -0.46
CA GLY A 205 -18.10 12.12 0.84
C GLY A 205 -17.62 10.84 1.52
N TYR A 206 -16.72 10.08 0.89
CA TYR A 206 -16.19 8.83 1.46
C TYR A 206 -14.68 8.89 1.73
N LEU A 207 -14.24 10.04 2.21
CA LEU A 207 -12.87 10.33 2.71
C LEU A 207 -11.92 10.58 1.55
N LEU A 208 -11.80 9.64 0.60
CA LEU A 208 -11.03 9.83 -0.62
C LEU A 208 -11.94 10.41 -1.69
N GLU A 209 -11.65 11.64 -2.13
CA GLU A 209 -12.52 12.39 -3.01
CA GLU A 209 -12.57 12.26 -3.08
C GLU A 209 -11.87 12.63 -4.38
N ALA A 210 -12.70 12.88 -5.39
CA ALA A 210 -12.32 13.18 -6.76
C ALA A 210 -11.33 14.34 -6.87
N ASP A 211 -11.68 15.46 -6.22
CA ASP A 211 -10.89 16.68 -6.22
C ASP A 211 -9.48 16.40 -5.69
N ALA A 212 -9.40 15.63 -4.59
CA ALA A 212 -8.10 15.31 -4.01
C ALA A 212 -7.29 14.44 -4.97
N MET A 213 -7.95 13.43 -5.55
CA MET A 213 -7.23 12.54 -6.44
C MET A 213 -6.65 13.32 -7.61
N GLN A 214 -7.43 14.25 -8.19
CA GLN A 214 -6.96 15.10 -9.28
C GLN A 214 -5.72 15.86 -8.82
N TRP A 215 -5.79 16.43 -7.62
CA TRP A 215 -4.70 17.22 -7.10
C TRP A 215 -3.45 16.36 -6.89
N PHE A 216 -3.61 15.18 -6.28
CA PHE A 216 -2.50 14.27 -6.08
C PHE A 216 -1.81 13.98 -7.42
N GLY A 217 -2.60 13.71 -8.47
CA GLY A 217 -2.02 13.46 -9.78
C GLY A 217 -1.23 14.65 -10.31
N GLU A 218 -1.73 15.86 -10.08
CA GLU A 218 -1.08 17.09 -10.51
C GLU A 218 0.26 17.23 -9.80
N GLN A 219 0.36 16.71 -8.57
CA GLN A 219 1.59 16.83 -7.82
C GLN A 219 2.61 15.77 -8.27
N TYR A 220 2.11 14.57 -8.55
CA TYR A 220 2.97 13.41 -8.78
C TYR A 220 3.45 13.34 -10.22
N LEU A 221 2.51 13.49 -11.16
CA LEU A 221 2.83 13.29 -12.57
C LEU A 221 3.59 14.49 -13.13
N ARG A 222 4.39 14.22 -14.15
CA ARG A 222 5.13 15.30 -14.79
C ARG A 222 4.25 16.11 -15.74
N THR A 223 3.52 15.38 -16.59
CA THR A 223 2.58 15.95 -17.54
C THR A 223 1.33 15.09 -17.56
N PRO A 224 0.18 15.60 -18.04
CA PRO A 224 -1.04 14.78 -18.12
C PRO A 224 -0.92 13.45 -18.88
N ASP A 225 0.05 13.35 -19.79
CA ASP A 225 0.23 12.16 -20.60
C ASP A 225 0.75 10.99 -19.74
N ASP A 226 1.36 11.26 -18.58
CA ASP A 226 1.91 10.22 -17.73
C ASP A 226 0.83 9.27 -17.24
N VAL A 227 -0.47 9.66 -17.32
CA VAL A 227 -1.53 8.81 -16.81
C VAL A 227 -1.56 7.48 -17.55
N SER A 228 -1.11 7.46 -18.82
CA SER A 228 -1.16 6.24 -19.61
CA SER A 228 -1.13 6.27 -19.67
C SER A 228 0.12 5.41 -19.49
N HIS A 229 1.13 5.88 -18.72
CA HIS A 229 2.37 5.13 -18.57
C HIS A 229 2.06 3.94 -17.66
N PRO A 230 2.52 2.71 -17.99
CA PRO A 230 2.19 1.56 -17.12
C PRO A 230 2.81 1.61 -15.72
N TRP A 231 3.86 2.43 -15.52
CA TRP A 231 4.42 2.60 -14.19
C TRP A 231 3.59 3.56 -13.34
N ALA A 232 2.63 4.28 -13.96
CA ALA A 232 1.64 5.04 -13.24
C ALA A 232 0.32 4.29 -13.14
N SER A 233 -0.07 3.61 -14.23
CA SER A 233 -1.35 2.93 -14.38
C SER A 233 -1.07 1.46 -14.70
N PRO A 234 -0.64 0.64 -13.71
CA PRO A 234 -0.30 -0.76 -13.97
C PRO A 234 -1.46 -1.62 -14.48
N ALA A 235 -2.71 -1.20 -14.24
CA ALA A 235 -3.84 -1.97 -14.76
C ALA A 235 -3.87 -1.94 -16.29
N LEU A 236 -3.15 -1.02 -16.94
CA LEU A 236 -3.13 -0.96 -18.39
C LEU A 236 -2.24 -2.01 -19.02
N SER A 237 -1.42 -2.68 -18.21
CA SER A 237 -0.46 -3.62 -18.77
C SER A 237 -1.17 -4.81 -19.38
N PRO A 238 -0.90 -5.15 -20.65
CA PRO A 238 -1.64 -6.24 -21.26
C PRO A 238 -1.26 -7.67 -20.85
N ASP A 239 -0.04 -7.86 -20.35
CA ASP A 239 0.44 -9.19 -20.01
C ASP A 239 0.72 -9.26 -18.51
N LEU A 240 -0.17 -9.95 -17.80
CA LEU A 240 -0.03 -10.14 -16.36
C LEU A 240 0.43 -11.56 -16.03
N THR A 241 0.76 -12.39 -17.04
CA THR A 241 1.12 -13.76 -16.74
C THR A 241 2.43 -13.82 -15.93
N GLY A 242 2.47 -14.81 -15.00
CA GLY A 242 3.70 -15.02 -14.25
C GLY A 242 3.97 -13.99 -13.14
N LEU A 243 3.05 -13.01 -12.90
CA LEU A 243 3.24 -12.04 -11.83
C LEU A 243 3.14 -12.74 -10.48
N PRO A 244 3.66 -12.12 -9.40
CA PRO A 244 3.58 -12.73 -8.07
C PRO A 244 2.15 -12.93 -7.59
N PRO A 245 1.89 -14.05 -6.87
CA PRO A 245 0.63 -14.25 -6.17
C PRO A 245 0.15 -12.99 -5.48
N ALA A 246 -1.16 -12.71 -5.58
CA ALA A 246 -1.68 -11.41 -5.21
C ALA A 246 -2.84 -11.54 -4.23
N LEU A 247 -2.79 -10.70 -3.18
CA LEU A 247 -3.93 -10.46 -2.32
C LEU A 247 -4.39 -9.05 -2.63
N VAL A 248 -5.65 -8.92 -3.05
CA VAL A 248 -6.19 -7.61 -3.38
C VAL A 248 -7.38 -7.35 -2.46
N ILE A 249 -7.21 -6.41 -1.56
CA ILE A 249 -8.25 -6.05 -0.59
C ILE A 249 -8.87 -4.75 -1.05
N THR A 250 -10.21 -4.73 -1.18
CA THR A 250 -10.92 -3.49 -1.52
C THR A 250 -11.92 -3.14 -0.43
N ALA A 251 -12.37 -1.88 -0.46
CA ALA A 251 -13.46 -1.39 0.35
C ALA A 251 -14.67 -1.16 -0.54
N GLU A 252 -15.86 -1.50 -0.02
CA GLU A 252 -17.05 -1.38 -0.84
C GLU A 252 -17.33 0.05 -1.35
N TYR A 253 -17.15 1.06 -0.48
CA TYR A 253 -17.57 2.43 -0.78
C TYR A 253 -16.34 3.30 -0.98
N ASP A 254 -15.58 2.97 -2.00
CA ASP A 254 -14.30 3.56 -2.29
C ASP A 254 -14.30 3.80 -3.79
N PRO A 255 -13.99 5.02 -4.25
CA PRO A 255 -13.89 5.27 -5.69
C PRO A 255 -12.92 4.33 -6.38
N LEU A 256 -11.84 3.90 -5.67
CA LEU A 256 -10.85 3.01 -6.29
C LEU A 256 -11.25 1.53 -6.27
N ARG A 257 -12.46 1.21 -5.75
CA ARG A 257 -12.83 -0.18 -5.60
C ARG A 257 -12.74 -0.91 -6.93
N ASP A 258 -13.45 -0.38 -7.93
CA ASP A 258 -13.67 -1.14 -9.15
C ASP A 258 -12.36 -1.45 -9.90
N GLU A 259 -11.41 -0.48 -9.93
CA GLU A 259 -10.15 -0.74 -10.63
C GLU A 259 -9.36 -1.81 -9.87
N GLY A 260 -9.46 -1.82 -8.54
CA GLY A 260 -8.81 -2.84 -7.74
C GLY A 260 -9.36 -4.24 -8.03
N GLU A 261 -10.68 -4.34 -8.05
CA GLU A 261 -11.34 -5.63 -8.23
C GLU A 261 -11.12 -6.09 -9.67
N ALA A 262 -11.14 -5.18 -10.63
CA ALA A 262 -10.93 -5.57 -12.01
C ALA A 262 -9.51 -6.09 -12.22
N TYR A 263 -8.55 -5.44 -11.56
CA TYR A 263 -7.17 -5.90 -11.66
C TYR A 263 -7.03 -7.31 -11.06
N ALA A 264 -7.69 -7.53 -9.92
CA ALA A 264 -7.66 -8.88 -9.35
C ALA A 264 -8.24 -9.91 -10.30
N GLU A 265 -9.36 -9.60 -10.97
CA GLU A 265 -9.95 -10.50 -11.95
C GLU A 265 -9.00 -10.76 -13.10
N ALA A 266 -8.31 -9.71 -13.53
CA ALA A 266 -7.36 -9.86 -14.65
C ALA A 266 -6.18 -10.75 -14.24
N LEU A 267 -5.65 -10.52 -13.05
CA LEU A 267 -4.58 -11.38 -12.54
C LEU A 267 -5.04 -12.84 -12.52
N ARG A 268 -6.23 -13.09 -11.95
CA ARG A 268 -6.77 -14.44 -11.82
C ARG A 268 -6.83 -15.12 -13.20
N ALA A 269 -7.34 -14.39 -14.19
CA ALA A 269 -7.53 -14.93 -15.53
C ALA A 269 -6.19 -15.11 -16.24
N ALA A 270 -5.14 -14.43 -15.77
CA ALA A 270 -3.78 -14.60 -16.28
C ALA A 270 -3.02 -15.71 -15.54
N GLY A 271 -3.70 -16.52 -14.71
CA GLY A 271 -3.10 -17.65 -14.03
C GLY A 271 -2.27 -17.28 -12.80
N VAL A 272 -2.37 -16.03 -12.34
CA VAL A 272 -1.72 -15.57 -11.12
C VAL A 272 -2.60 -16.02 -9.95
N PRO A 273 -2.04 -16.77 -8.98
CA PRO A 273 -2.80 -17.09 -7.77
C PRO A 273 -3.23 -15.80 -7.07
N THR A 274 -4.54 -15.64 -6.93
CA THR A 274 -5.11 -14.35 -6.52
C THR A 274 -6.22 -14.59 -5.50
N GLU A 275 -6.18 -13.82 -4.43
CA GLU A 275 -7.28 -13.75 -3.49
C GLU A 275 -7.81 -12.31 -3.52
N GLN A 276 -9.11 -12.16 -3.75
CA GLN A 276 -9.78 -10.89 -3.89
C GLN A 276 -10.81 -10.81 -2.78
N ILE A 277 -10.64 -9.83 -1.87
CA ILE A 277 -11.52 -9.67 -0.71
C ILE A 277 -12.02 -8.24 -0.66
N ARG A 278 -13.33 -8.08 -0.81
CA ARG A 278 -14.01 -6.82 -0.56
C ARG A 278 -14.55 -6.81 0.86
N PHE A 279 -14.17 -5.79 1.61
CA PHE A 279 -14.74 -5.55 2.92
C PHE A 279 -15.98 -4.67 2.73
N ASP A 280 -17.15 -5.26 2.97
CA ASP A 280 -18.43 -4.58 2.77
C ASP A 280 -18.65 -3.47 3.79
N GLY A 281 -19.29 -2.41 3.31
CA GLY A 281 -19.65 -1.31 4.20
C GLY A 281 -18.46 -0.44 4.56
N MET A 282 -17.27 -0.72 4.02
CA MET A 282 -16.07 0.00 4.39
C MET A 282 -15.75 1.10 3.36
N ILE A 283 -14.79 1.95 3.75
CA ILE A 283 -14.31 3.05 2.95
C ILE A 283 -12.80 2.90 2.72
N HIS A 284 -12.31 3.64 1.73
CA HIS A 284 -10.88 3.79 1.50
C HIS A 284 -10.15 4.18 2.79
N GLY A 285 -9.01 3.53 3.02
CA GLY A 285 -8.17 3.93 4.12
C GLY A 285 -8.36 3.10 5.38
N PHE A 286 -9.24 2.09 5.35
CA PHE A 286 -9.68 1.47 6.59
C PHE A 286 -8.57 0.68 7.30
N MET A 287 -7.55 0.28 6.53
CA MET A 287 -6.47 -0.51 7.11
C MET A 287 -5.42 0.34 7.83
N THR A 288 -5.59 1.68 7.88
CA THR A 288 -4.82 2.51 8.77
C THR A 288 -5.75 3.26 9.73
N MET A 289 -6.94 2.70 9.96
CA MET A 289 -7.91 3.31 10.84
C MET A 289 -8.34 2.31 11.89
N PRO A 290 -7.57 2.16 12.99
CA PRO A 290 -7.79 1.05 13.93
C PRO A 290 -9.04 1.15 14.80
N ILE A 291 -9.81 2.24 14.63
CA ILE A 291 -11.15 2.33 15.19
C ILE A 291 -12.11 1.31 14.57
N PHE A 292 -11.76 0.75 13.39
CA PHE A 292 -12.58 -0.23 12.71
C PHE A 292 -12.00 -1.63 12.92
N PRO A 293 -12.80 -2.56 13.49
CA PRO A 293 -12.32 -3.93 13.64
C PRO A 293 -11.94 -4.59 12.32
N GLN A 294 -12.49 -4.07 11.20
CA GLN A 294 -12.19 -4.64 9.90
C GLN A 294 -10.71 -4.47 9.56
N MET A 295 -10.02 -3.49 10.15
CA MET A 295 -8.57 -3.37 9.95
C MET A 295 -7.85 -4.64 10.40
N GLU A 296 -8.14 -5.08 11.63
CA GLU A 296 -7.54 -6.30 12.12
C GLU A 296 -8.03 -7.52 11.35
N ALA A 297 -9.29 -7.56 10.92
CA ALA A 297 -9.76 -8.65 10.07
C ALA A 297 -8.93 -8.76 8.80
N ALA A 298 -8.63 -7.60 8.18
CA ALA A 298 -7.86 -7.56 6.94
C ALA A 298 -6.41 -7.99 7.17
N ILE A 299 -5.86 -7.64 8.33
CA ILE A 299 -4.51 -8.11 8.69
C ILE A 299 -4.50 -9.63 8.92
N GLU A 300 -5.59 -10.19 9.50
CA GLU A 300 -5.74 -11.64 9.59
C GLU A 300 -5.80 -12.25 8.18
N ALA A 301 -6.51 -11.57 7.26
CA ALA A 301 -6.53 -12.05 5.88
C ALA A 301 -5.11 -12.14 5.31
N VAL A 302 -4.29 -11.11 5.57
CA VAL A 302 -2.91 -11.12 5.11
C VAL A 302 -2.19 -12.35 5.68
N ALA A 303 -2.31 -12.59 7.00
CA ALA A 303 -1.61 -13.72 7.61
C ALA A 303 -2.04 -15.03 6.98
N ARG A 304 -3.37 -15.20 6.77
CA ARG A 304 -3.89 -16.43 6.19
C ARG A 304 -3.39 -16.62 4.75
N PHE A 305 -3.38 -15.53 3.97
CA PHE A 305 -2.88 -15.57 2.60
C PHE A 305 -1.41 -15.99 2.58
N LEU A 306 -0.59 -15.35 3.44
CA LEU A 306 0.85 -15.61 3.46
C LEU A 306 1.18 -17.01 3.96
N GLU A 307 0.32 -17.62 4.78
CA GLU A 307 0.49 -19.01 5.16
C GLU A 307 0.54 -19.95 3.95
N ARG A 308 -0.14 -19.55 2.88
CA ARG A 308 -0.27 -20.37 1.69
C ARG A 308 0.88 -20.21 0.67
N ILE A 309 1.80 -19.26 0.89
CA ILE A 309 2.86 -18.96 -0.06
C ILE A 309 3.91 -20.08 -0.09
N ASP A 310 4.12 -20.79 1.03
CA ASP A 310 5.19 -21.78 1.15
C ASP A 310 4.59 -23.12 1.63
C1 EDO B . -9.01 10.91 11.69
O1 EDO B . -8.33 11.26 12.88
C2 EDO B . -8.18 11.00 10.46
O2 EDO B . -8.87 10.60 9.27
H11 EDO B . -9.79 11.50 11.58
H12 EDO B . -9.35 10.00 11.78
HO1 EDO B . -8.79 11.28 13.54
H21 EDO B . -7.39 10.43 10.57
H22 EDO B . -7.87 11.93 10.35
HO2 EDO B . -9.41 11.22 9.04
C1 EDO C . -4.09 -21.10 -8.90
O1 EDO C . -4.76 -20.22 -7.98
C2 EDO C . -4.15 -20.72 -10.37
O2 EDO C . -3.44 -19.52 -10.78
H11 EDO C . -4.49 -22.00 -8.81
H12 EDO C . -3.14 -21.17 -8.65
HO1 EDO C . -4.63 -20.50 -7.20
H21 EDO C . -5.09 -20.62 -10.61
H22 EDO C . -3.79 -21.48 -10.89
HO2 EDO C . -2.68 -19.49 -10.39
C1 EDO D . 8.47 -6.58 -21.27
O1 EDO D . 8.73 -6.88 -19.90
C2 EDO D . 8.71 -7.69 -22.22
O2 EDO D . 8.43 -8.99 -21.72
H11 EDO D . 9.02 -5.81 -21.53
H12 EDO D . 7.53 -6.30 -21.35
HO1 EDO D . 8.44 -6.34 -19.28
H21 EDO D . 9.65 -7.66 -22.49
H22 EDO D . 8.17 -7.53 -23.02
HO2 EDO D . 7.63 -9.01 -21.43
C1 EDO E . 15.34 1.06 -11.69
O1 EDO E . 14.52 2.17 -11.91
C2 EDO E . 15.63 0.84 -10.25
O2 EDO E . 17.00 0.87 -9.96
H11 EDO E . 16.19 1.18 -12.17
H12 EDO E . 14.90 0.26 -12.05
HO1 EDO E . 14.40 2.30 -12.74
H21 EDO E . 15.27 -0.02 -9.98
H22 EDO E . 15.19 1.54 -9.74
HO2 EDO E . 17.38 0.21 -10.33
C1 EDO F . 9.28 15.80 -17.45
O1 EDO F . 9.18 17.22 -17.53
C2 EDO F . 9.24 15.11 -18.77
O2 EDO F . 8.00 14.47 -19.03
H11 EDO F . 8.51 15.46 -16.89
H12 EDO F . 10.15 15.54 -16.98
HO1 EDO F . 8.97 17.62 -16.85
H21 EDO F . 9.96 14.44 -18.81
H22 EDO F . 9.41 15.78 -19.48
HO2 EDO F . 7.36 15.05 -18.98
C1 EDO G . -20.74 -4.82 15.91
O1 EDO G . -21.01 -5.89 16.85
C2 EDO G . -21.86 -4.44 14.96
O2 EDO G . -21.63 -3.28 14.12
H11 EDO G . -19.95 -5.08 15.37
H12 EDO G . -20.49 -4.02 16.43
HO1 EDO G . -20.68 -5.75 17.48
H21 EDO G . -22.67 -4.29 15.49
H22 EDO G . -22.04 -5.21 14.37
HO2 EDO G . -21.19 -2.71 14.56
C1 EDO H . -2.57 -17.55 -2.86
O1 EDO H . -2.17 -18.83 -2.37
C2 EDO H . -3.93 -17.63 -3.45
O2 EDO H . -4.95 -17.48 -2.47
H11 EDO H . -1.93 -17.24 -3.54
H12 EDO H . -2.57 -16.90 -2.11
HO1 EDO H . -1.44 -18.96 -1.96
H21 EDO H . -4.05 -18.50 -3.89
H22 EDO H . -4.03 -16.92 -4.12
HO2 EDO H . -4.78 -17.99 -1.80
C1 EDO I . -25.58 -3.29 -2.89
O1 EDO I . -25.32 -2.06 -2.25
C2 EDO I . -24.91 -3.41 -4.18
O2 EDO I . -24.54 -4.75 -4.46
H11 EDO I . -26.55 -3.37 -3.03
H12 EDO I . -25.30 -4.02 -2.30
HO1 EDO I . -25.68 -2.01 -1.55
H21 EDO I . -24.10 -2.85 -4.17
H22 EDO I . -25.49 -3.08 -4.89
HO2 EDO I . -25.24 -5.20 -4.62
C1 EDO J . -18.05 5.37 -16.49
O1 EDO J . -18.10 6.47 -15.58
C2 EDO J . -17.86 4.04 -15.82
O2 EDO J . -17.96 2.96 -16.75
H11 EDO J . -17.30 5.52 -17.11
H12 EDO J . -18.88 5.35 -17.00
HO1 EDO J . -18.32 7.16 -16.03
H21 EDO J . -18.54 3.93 -15.12
H22 EDO J . -16.98 4.02 -15.39
HO2 EDO J . -17.33 3.02 -17.32
C38 JEF K . -3.40 7.26 -0.78
O12 JEF K . -4.67 7.08 -1.40
C37 JEF K . -4.85 7.89 -2.62
C36 JEF K . -4.44 7.11 -3.85
O11 JEF K . -3.71 7.89 -4.79
C33 JEF K . -4.45 8.15 -5.99
C34 JEF K . -5.74 8.83 -5.67
C32 JEF K . -3.63 9.03 -6.94
O10 JEF K . -4.30 8.98 -8.20
C19 JEF K . -4.11 10.16 -9.02
C40 JEF K . -2.63 10.40 -9.12
C20 JEF K . -4.75 9.95 -10.38
O JEF K . -6.11 10.39 -10.39
C JEF K . -6.51 11.23 -11.51
C18 JEF K . -6.41 10.48 -12.81
C17 JEF K . -5.70 12.52 -11.53
OH JEF K . -4.69 12.58 -12.54
C2 JEF K . -4.71 13.80 -13.33
C1 JEF K . -5.52 13.57 -14.58
C3 JEF K . -3.29 14.25 -13.67
O2 JEF K . -3.28 15.65 -13.91
C5 JEF K . -2.27 16.13 -14.82
C6 JEF K . -2.93 17.25 -15.57
C4 JEF K . -1.04 16.59 -14.04
O3 JEF K . -0.03 17.13 -14.90
C7 JEF K . 0.59 18.34 -14.43
C9 JEF K . 1.48 18.09 -13.26
C8 JEF K . 1.40 18.95 -15.57
H381 JEF K . -3.35 6.73 0.02
H382 JEF K . -3.29 8.19 -0.55
H383 JEF K . -2.71 6.99 -1.41
H371 JEF K . -4.30 8.70 -2.55
H372 JEF K . -5.79 8.16 -2.69
H361 JEF K . -5.24 6.74 -4.29
H362 JEF K . -3.88 6.35 -3.58
H33 JEF K . -4.63 7.30 -6.46
H341 JEF K . -6.42 8.15 -5.50
H342 JEF K . -6.01 9.39 -6.41
H343 JEF K . -5.63 9.37 -4.87
H321 JEF K . -2.72 8.68 -7.02
H322 JEF K . -3.60 9.94 -6.60
H19 JEF K . -4.54 10.93 -8.57
H401 JEF K . -2.43 10.82 -9.98
H402 JEF K . -2.15 9.55 -9.06
H403 JEF K . -2.34 10.99 -8.40
H201 JEF K . -4.72 8.99 -10.61
H202 JEF K . -4.24 10.44 -11.06
H JEF K . -7.45 11.48 -11.38
H181 JEF K . -5.47 10.33 -13.04
H182 JEF K . -6.84 10.99 -13.52
H183 JEF K . -6.85 9.61 -12.71
H171 JEF K . -5.27 12.64 -10.66
H172 JEF K . -6.33 13.27 -11.66
H2 JEF K . -5.13 14.52 -12.79
H11A JEF K . -5.33 14.27 -15.22
H12 JEF K . -6.47 13.58 -14.35
H13A JEF K . -5.29 12.70 -14.96
H31 JEF K . -2.98 13.77 -14.46
H32 JEF K . -2.69 14.03 -12.91
H5 JEF K . -2.01 15.41 -15.43
H61 JEF K . -2.27 17.92 -15.83
H62 JEF K . -3.61 17.67 -15.01
H63 JEF K . -3.37 16.89 -16.37
H41 JEF K . -0.68 15.84 -13.53
H42 JEF K . -1.33 17.29 -13.40
H7 JEF K . -0.12 18.99 -14.17
H91 JEF K . 2.37 17.86 -13.57
H92 JEF K . 1.11 17.34 -12.73
H93 JEF K . 1.52 18.89 -12.70
H81 JEF K . 2.17 19.15 -15.27
H82 JEF K . 0.82 19.50 -16.13
C1 MLA L . -4.70 21.42 -0.50
O1A MLA L . -3.64 22.08 -0.46
O1B MLA L . -4.79 20.22 -0.10
C2 MLA L . -5.94 22.09 -1.08
C3 MLA L . -6.11 21.96 -2.59
O3A MLA L . -5.59 22.83 -3.32
O3B MLA L . -6.77 20.98 -3.02
HC21 MLA L . -5.91 23.04 -0.85
HC22 MLA L . -6.73 21.71 -0.64
C1 MLA M . -6.16 7.56 6.49
O1A MLA M . -6.95 6.71 6.00
O1B MLA M . -5.22 8.02 5.86
C2 MLA M . -6.38 8.09 7.92
C3 MLA M . -5.45 9.23 8.37
O3A MLA M . -4.33 8.92 8.81
O3B MLA M . -5.84 10.44 8.26
HC21 MLA M . -6.28 7.34 8.54
HC22 MLA M . -7.31 8.40 7.99
C1 EDO N . 5.27 -2.59 -17.20
O1 EDO N . 5.30 -3.11 -18.52
C2 EDO N . 6.42 -3.03 -16.44
O2 EDO N . 7.58 -2.39 -16.96
H11 EDO N . 4.45 -2.90 -16.74
H12 EDO N . 5.25 -1.61 -17.22
HO1 EDO N . 4.65 -2.85 -18.94
H21 EDO N . 6.51 -4.00 -16.51
H22 EDO N . 6.30 -2.79 -15.49
HO2 EDO N . 7.82 -2.78 -17.68
#